data_7NLS
#
_entry.id   7NLS
#
_cell.length_a   174.238
_cell.length_b   174.238
_cell.length_c   72.030
_cell.angle_alpha   90.000
_cell.angle_beta   90.000
_cell.angle_gamma   120.000
#
_symmetry.space_group_name_H-M   'H 3 2'
#
loop_
_entity.id
_entity.type
_entity.pdbx_description
1 polymer 'Acetylglutamate kinase'
2 non-polymer 'methyl 3-iodanyl-4-oxidanyl-benzoate'
3 non-polymer 'SULFATE ION'
4 water water
#
_entity_poly.entity_id   1
_entity_poly.type   'polypeptide(L)'
_entity_poly.pdbx_seq_one_letter_code
;GSMVSRIEALPTHIKAQVLAEALPWLKQLHGKVVVVKYGGNAMTDDTLRRAFAADMAFLRNCGIHPVVVHGGGPQITAML
RRLGIEGDFKGGFRVTTPEVLDVARMVLFGQVGRELVNLINAHGPYAVGITGEDAQLFTAVRRSVTVDGVATDIGLVGDV
DQVNTAAMLDLVAAGRIPVVSTLAPDADGVVHNINADTAAAAVAEALGAEKLLMLTDIDGLYTRWPDRDSLVSEIDTGTL
AQLLPTLESGMVPKVEACLRAVIGGVPSAHIIDGRVTHCVLVELFTDAGTGTKVVRG
;
_entity_poly.pdbx_strand_id   A
#
# COMPACT_ATOMS: atom_id res chain seq x y z
N ILE A 7 20.74 -0.67 23.76
CA ILE A 7 19.31 -0.88 23.87
C ILE A 7 18.76 -0.18 25.13
N GLU A 8 19.44 -0.39 26.25
CA GLU A 8 19.05 0.20 27.52
C GLU A 8 20.09 1.17 28.10
N ALA A 9 21.29 1.25 27.53
CA ALA A 9 22.30 2.24 27.92
C ALA A 9 21.81 3.65 27.58
N LEU A 10 20.51 3.77 27.41
CA LEU A 10 19.85 5.01 27.04
C LEU A 10 19.12 5.57 28.25
N PRO A 11 19.58 6.69 28.77
CA PRO A 11 18.96 7.29 29.94
C PRO A 11 17.47 7.24 29.77
N THR A 12 16.76 7.07 30.86
CA THR A 12 15.32 7.00 30.79
C THR A 12 14.67 8.36 30.59
N HIS A 13 15.20 9.37 31.26
CA HIS A 13 14.66 10.72 31.16
C HIS A 13 14.34 11.12 29.72
N ILE A 14 14.99 10.49 28.77
CA ILE A 14 14.71 10.77 27.37
C ILE A 14 13.97 9.61 26.68
N LYS A 15 14.05 8.39 27.24
CA LYS A 15 13.06 7.37 26.88
C LYS A 15 11.66 7.94 27.08
N ALA A 16 11.46 8.66 28.17
CA ALA A 16 10.18 9.30 28.43
C ALA A 16 9.87 10.36 27.39
N GLN A 17 10.89 11.09 26.95
CA GLN A 17 10.64 12.22 26.07
C GLN A 17 10.21 11.76 24.67
N VAL A 18 10.80 10.70 24.12
CA VAL A 18 10.41 10.27 22.79
C VAL A 18 8.96 9.80 22.77
N LEU A 19 8.56 9.02 23.78
CA LEU A 19 7.15 8.65 23.88
C LEU A 19 6.28 9.89 23.94
N ALA A 20 6.57 10.80 24.87
CA ALA A 20 5.67 11.94 25.06
C ALA A 20 5.57 12.80 23.80
N GLU A 21 6.52 12.71 22.87
CA GLU A 21 6.36 13.47 21.63
C GLU A 21 5.58 12.73 20.56
N ALA A 22 5.02 11.56 20.88
CA ALA A 22 4.07 10.93 19.96
C ALA A 22 2.65 11.42 20.20
N LEU A 23 2.41 12.14 21.30
CA LEU A 23 1.04 12.48 21.69
C LEU A 23 0.27 13.27 20.64
N PRO A 24 0.85 14.27 19.97
CA PRO A 24 0.08 14.95 18.92
C PRO A 24 -0.38 14.01 17.82
N TRP A 25 0.47 13.10 17.35
CA TRP A 25 -0.03 12.25 16.28
C TRP A 25 -0.97 11.14 16.78
N LEU A 26 -0.88 10.73 18.05
CA LEU A 26 -1.94 9.90 18.62
C LEU A 26 -3.29 10.62 18.63
N LYS A 27 -3.30 11.91 18.95
CA LYS A 27 -4.56 12.65 18.86
C LYS A 27 -5.01 12.76 17.41
N GLN A 28 -4.10 13.16 16.52
CA GLN A 28 -4.42 13.29 15.11
C GLN A 28 -5.05 11.99 14.56
N LEU A 29 -4.47 10.83 14.91
CA LEU A 29 -4.86 9.55 14.33
C LEU A 29 -5.86 8.74 15.17
N HIS A 30 -6.26 9.20 16.36
CA HIS A 30 -7.19 8.40 17.15
C HIS A 30 -8.56 8.31 16.50
N GLY A 31 -9.02 7.08 16.29
CA GLY A 31 -10.30 6.81 15.65
C GLY A 31 -10.33 6.98 14.16
N LYS A 32 -9.18 7.12 13.49
CA LYS A 32 -9.16 7.36 12.05
C LYS A 32 -8.63 6.16 11.30
N VAL A 33 -8.89 6.16 9.99
CA VAL A 33 -8.40 5.14 9.07
C VAL A 33 -7.02 5.57 8.59
N VAL A 34 -6.09 4.61 8.57
CA VAL A 34 -4.77 4.78 7.96
C VAL A 34 -4.55 3.60 7.01
N VAL A 35 -4.48 3.89 5.73
CA VAL A 35 -4.23 2.84 4.74
C VAL A 35 -2.72 2.75 4.50
N VAL A 36 -2.21 1.54 4.59
CA VAL A 36 -0.79 1.27 4.43
C VAL A 36 -0.66 0.32 3.27
N LYS A 37 -0.02 0.78 2.18
CA LYS A 37 0.40 -0.12 1.11
C LYS A 37 1.74 -0.73 1.48
N TYR A 38 1.82 -2.04 1.37
CA TYR A 38 2.91 -2.81 1.92
C TYR A 38 3.50 -3.65 0.81
N GLY A 39 4.70 -3.29 0.36
CA GLY A 39 5.36 -3.99 -0.72
C GLY A 39 6.85 -3.79 -0.64
N GLY A 40 7.58 -4.09 -1.71
CA GLY A 40 9.01 -3.91 -1.61
C GLY A 40 9.67 -4.84 -0.59
N ASN A 41 10.84 -4.39 -0.11
CA ASN A 41 11.63 -5.23 0.79
C ASN A 41 10.97 -5.38 2.15
N ALA A 42 10.10 -4.45 2.51
CA ALA A 42 9.38 -4.51 3.79
C ALA A 42 8.70 -5.87 3.95
N MET A 43 8.35 -6.51 2.82
CA MET A 43 7.75 -7.84 2.78
C MET A 43 8.74 -8.95 2.44
N THR A 44 10.03 -8.65 2.19
CA THR A 44 10.97 -9.72 1.87
C THR A 44 11.79 -10.18 3.08
N ASP A 45 12.20 -9.27 3.96
CA ASP A 45 13.07 -9.63 5.08
C ASP A 45 12.22 -9.94 6.31
N ASP A 46 12.55 -11.06 6.97
CA ASP A 46 11.74 -11.52 8.09
C ASP A 46 11.71 -10.49 9.23
N THR A 47 12.87 -9.94 9.59
CA THR A 47 12.94 -8.97 10.68
C THR A 47 12.09 -7.73 10.38
N LEU A 48 12.17 -7.19 9.15
CA LEU A 48 11.29 -6.08 8.78
C LEU A 48 9.82 -6.50 8.80
N ARG A 49 9.51 -7.66 8.24
CA ARG A 49 8.13 -8.15 8.21
C ARG A 49 7.53 -8.22 9.61
N ARG A 50 8.22 -8.85 10.58
CA ARG A 50 7.66 -8.94 11.93
C ARG A 50 7.43 -7.56 12.52
N ALA A 51 8.36 -6.62 12.28
CA ALA A 51 8.17 -5.27 12.78
C ALA A 51 6.98 -4.60 12.12
N PHE A 52 6.79 -4.80 10.82
CA PHE A 52 5.60 -4.26 10.16
C PHE A 52 4.32 -4.78 10.82
N ALA A 53 4.28 -6.09 11.06
CA ALA A 53 3.13 -6.70 11.72
C ALA A 53 2.90 -6.07 13.10
N ALA A 54 3.92 -6.14 13.96
CA ALA A 54 3.84 -5.52 15.28
C ALA A 54 3.42 -4.06 15.23
N ASP A 55 3.76 -3.36 14.15
CA ASP A 55 3.33 -1.96 14.01
C ASP A 55 1.84 -1.85 13.71
N MET A 56 1.30 -2.75 12.90
CA MET A 56 -0.15 -2.81 12.71
C MET A 56 -0.84 -3.11 14.02
N ALA A 57 -0.31 -4.07 14.79
CA ALA A 57 -0.80 -4.33 16.13
C ALA A 57 -0.78 -3.06 16.98
N PHE A 58 0.34 -2.32 16.92
CA PHE A 58 0.51 -1.06 17.63
C PHE A 58 -0.64 -0.10 17.36
N LEU A 59 -0.82 0.31 16.09
CA LEU A 59 -1.92 1.18 15.72
C LEU A 59 -3.25 0.73 16.32
N ARG A 60 -3.51 -0.58 16.27
CA ARG A 60 -4.79 -1.10 16.70
C ARG A 60 -4.96 -1.13 18.21
N ASN A 61 -3.87 -1.17 18.97
CA ASN A 61 -3.95 -1.03 20.41
C ASN A 61 -3.80 0.43 20.88
N CYS A 62 -3.78 1.38 19.94
CA CYS A 62 -3.97 2.80 20.22
C CYS A 62 -5.30 3.32 19.73
N GLY A 63 -6.15 2.45 19.18
CA GLY A 63 -7.41 2.89 18.62
C GLY A 63 -7.31 3.54 17.26
N ILE A 64 -6.25 3.27 16.50
CA ILE A 64 -6.19 3.69 15.12
C ILE A 64 -6.72 2.52 14.29
N HIS A 65 -7.23 2.82 13.08
CA HIS A 65 -7.81 1.77 12.24
C HIS A 65 -6.99 1.51 10.99
N PRO A 66 -5.94 0.69 11.07
CA PRO A 66 -5.15 0.39 9.88
C PRO A 66 -5.88 -0.53 8.92
N VAL A 67 -5.62 -0.30 7.64
CA VAL A 67 -6.06 -1.15 6.54
C VAL A 67 -4.84 -1.41 5.66
N VAL A 68 -4.39 -2.67 5.61
CA VAL A 68 -3.18 -3.02 4.86
C VAL A 68 -3.55 -3.41 3.44
N VAL A 69 -2.83 -2.88 2.45
CA VAL A 69 -2.99 -3.29 1.05
C VAL A 69 -1.62 -3.77 0.53
N HIS A 70 -1.54 -5.03 0.13
CA HIS A 70 -0.28 -5.62 -0.32
C HIS A 70 -0.32 -5.98 -1.80
N GLY A 71 0.86 -5.97 -2.41
CA GLY A 71 1.06 -6.50 -3.74
C GLY A 71 1.87 -7.78 -3.71
N GLY A 72 2.45 -8.10 -4.87
CA GLY A 72 3.20 -9.32 -4.93
C GLY A 72 3.69 -9.68 -6.30
N GLY A 73 4.27 -8.72 -7.01
CA GLY A 73 4.80 -8.98 -8.32
C GLY A 73 5.73 -10.18 -8.36
N PRO A 74 6.87 -10.10 -7.67
CA PRO A 74 7.90 -11.15 -7.84
C PRO A 74 7.45 -12.55 -7.47
N GLN A 75 6.60 -12.70 -6.44
CA GLN A 75 6.18 -14.04 -6.04
C GLN A 75 5.24 -14.65 -7.08
N ILE A 76 4.44 -13.81 -7.75
CA ILE A 76 3.60 -14.28 -8.85
C ILE A 76 4.45 -14.85 -9.97
N THR A 77 5.40 -14.07 -10.45
CA THR A 77 6.21 -14.55 -11.58
C THR A 77 7.00 -15.80 -11.20
N ALA A 78 7.39 -15.94 -9.92
CA ALA A 78 8.06 -17.18 -9.50
C ALA A 78 7.14 -18.39 -9.64
N MET A 79 5.86 -18.25 -9.27
CA MET A 79 4.94 -19.39 -9.38
C MET A 79 4.64 -19.72 -10.84
N LEU A 80 4.52 -18.70 -11.70
CA LEU A 80 4.33 -18.93 -13.12
C LEU A 80 5.47 -19.75 -13.73
N ARG A 81 6.72 -19.40 -13.40
CA ARG A 81 7.85 -20.20 -13.89
C ARG A 81 7.85 -21.57 -13.25
N ARG A 82 7.60 -21.66 -11.95
CA ARG A 82 7.52 -22.98 -11.31
C ARG A 82 6.50 -23.87 -12.00
N LEU A 83 5.37 -23.32 -12.45
CA LEU A 83 4.33 -24.04 -13.15
C LEU A 83 4.62 -24.17 -14.65
N GLY A 84 5.66 -23.54 -15.15
CA GLY A 84 5.94 -23.65 -16.57
C GLY A 84 4.95 -22.95 -17.46
N ILE A 85 4.24 -21.94 -16.95
CA ILE A 85 3.32 -21.12 -17.74
C ILE A 85 4.16 -20.10 -18.49
N GLU A 86 4.22 -20.23 -19.81
CA GLU A 86 4.96 -19.26 -20.62
C GLU A 86 4.16 -17.97 -20.71
N GLY A 87 4.83 -16.83 -20.47
CA GLY A 87 4.16 -15.56 -20.52
C GLY A 87 4.08 -15.02 -21.93
N ASP A 88 3.18 -14.06 -22.13
CA ASP A 88 3.18 -13.22 -23.31
C ASP A 88 3.34 -11.77 -22.88
N PHE A 89 4.12 -11.02 -23.64
CA PHE A 89 4.53 -9.71 -23.18
C PHE A 89 4.26 -8.70 -24.27
N LYS A 90 3.44 -7.71 -23.95
CA LYS A 90 3.23 -6.54 -24.77
C LYS A 90 3.84 -5.36 -24.02
N GLY A 91 4.66 -4.59 -24.71
CA GLY A 91 5.53 -3.68 -23.99
C GLY A 91 6.33 -4.47 -22.97
N GLY A 92 6.43 -3.92 -21.77
CA GLY A 92 7.00 -4.69 -20.68
C GLY A 92 5.97 -5.41 -19.85
N PHE A 93 4.71 -5.33 -20.24
CA PHE A 93 3.63 -5.92 -19.46
C PHE A 93 3.37 -7.35 -19.88
N ARG A 94 3.18 -8.20 -18.88
CA ARG A 94 2.75 -9.57 -19.10
C ARG A 94 1.24 -9.56 -19.36
N VAL A 95 0.81 -10.23 -20.42
CA VAL A 95 -0.63 -10.35 -20.65
C VAL A 95 -1.21 -11.29 -19.61
N THR A 96 -2.30 -10.86 -18.96
CA THR A 96 -2.88 -11.60 -17.84
C THR A 96 -4.01 -12.47 -18.39
N THR A 97 -3.66 -13.71 -18.71
CA THR A 97 -4.63 -14.69 -19.19
C THR A 97 -5.48 -15.18 -18.02
N PRO A 98 -6.62 -15.81 -18.29
CA PRO A 98 -7.33 -16.55 -17.24
C PRO A 98 -6.41 -17.45 -16.46
N GLU A 99 -5.49 -18.14 -17.15
CA GLU A 99 -4.49 -18.95 -16.46
C GLU A 99 -3.62 -18.11 -15.53
N VAL A 100 -3.10 -16.98 -16.02
CA VAL A 100 -2.28 -16.11 -15.18
C VAL A 100 -3.09 -15.55 -14.02
N LEU A 101 -4.33 -15.13 -14.28
CA LEU A 101 -5.14 -14.52 -13.22
C LEU A 101 -5.29 -15.48 -12.04
N ASP A 102 -5.66 -16.73 -12.33
CA ASP A 102 -5.87 -17.70 -11.25
C ASP A 102 -4.62 -17.89 -10.42
N VAL A 103 -3.44 -17.82 -11.07
CA VAL A 103 -2.17 -17.94 -10.34
C VAL A 103 -1.93 -16.71 -9.48
N ALA A 104 -2.06 -15.51 -10.07
CA ALA A 104 -1.98 -14.29 -9.29
C ALA A 104 -2.91 -14.37 -8.09
N ARG A 105 -4.16 -14.77 -8.31
CA ARG A 105 -5.10 -14.82 -7.20
C ARG A 105 -4.61 -15.76 -6.11
N MET A 106 -4.23 -16.99 -6.48
CA MET A 106 -3.87 -17.95 -5.44
C MET A 106 -2.54 -17.59 -4.77
N VAL A 107 -1.65 -16.85 -5.45
CA VAL A 107 -0.41 -16.44 -4.81
C VAL A 107 -0.64 -15.24 -3.90
N LEU A 108 -1.36 -14.23 -4.38
CA LEU A 108 -1.66 -13.05 -3.55
C LEU A 108 -2.51 -13.41 -2.34
N PHE A 109 -3.59 -14.17 -2.56
CA PHE A 109 -4.53 -14.38 -1.46
C PHE A 109 -4.15 -15.57 -0.59
N GLY A 110 -3.65 -16.65 -1.21
CA GLY A 110 -3.39 -17.90 -0.52
C GLY A 110 -1.97 -18.09 -0.05
N GLN A 111 -1.05 -17.17 -0.39
CA GLN A 111 0.31 -17.26 0.11
C GLN A 111 0.73 -15.94 0.78
N VAL A 112 0.79 -14.86 0.00
CA VAL A 112 1.35 -13.60 0.49
C VAL A 112 0.48 -13.03 1.62
N GLY A 113 -0.81 -12.83 1.36
CA GLY A 113 -1.70 -12.34 2.40
C GLY A 113 -1.76 -13.23 3.64
N ARG A 114 -1.51 -14.53 3.46
CA ARG A 114 -1.61 -15.43 4.59
C ARG A 114 -0.46 -15.20 5.56
N GLU A 115 0.74 -14.92 5.04
CA GLU A 115 1.87 -14.64 5.91
C GLU A 115 1.61 -13.40 6.75
N LEU A 116 1.15 -12.33 6.11
CA LEU A 116 0.89 -11.10 6.85
C LEU A 116 -0.20 -11.31 7.90
N VAL A 117 -1.27 -12.04 7.56
CA VAL A 117 -2.32 -12.30 8.52
C VAL A 117 -1.76 -13.07 9.72
N ASN A 118 -0.93 -14.07 9.47
CA ASN A 118 -0.40 -14.85 10.59
C ASN A 118 0.63 -14.07 11.37
N LEU A 119 1.34 -13.17 10.73
CA LEU A 119 2.32 -12.34 11.47
C LEU A 119 1.58 -11.37 12.40
N ILE A 120 0.51 -10.75 11.91
CA ILE A 120 -0.26 -9.76 12.72
C ILE A 120 -0.99 -10.50 13.83
N ASN A 121 -1.49 -11.72 13.57
CA ASN A 121 -2.33 -12.44 14.55
C ASN A 121 -1.51 -13.09 15.67
N ALA A 122 -0.20 -12.84 15.71
CA ALA A 122 0.63 -13.34 16.83
C ALA A 122 0.43 -12.37 17.99
N HIS A 123 -0.07 -11.17 17.68
CA HIS A 123 -0.30 -10.15 18.72
C HIS A 123 -1.79 -10.11 19.08
N GLY A 124 -2.64 -10.85 18.37
CA GLY A 124 -4.04 -10.84 18.68
C GLY A 124 -4.96 -11.14 17.53
N PRO A 125 -6.25 -11.46 17.89
CA PRO A 125 -7.15 -11.79 16.78
C PRO A 125 -7.53 -10.58 15.98
N TYR A 126 -6.60 -10.05 15.21
CA TYR A 126 -6.89 -8.86 14.45
C TYR A 126 -7.08 -8.89 12.95
N ALA A 127 -6.21 -9.53 12.22
CA ALA A 127 -6.25 -9.45 10.76
C ALA A 127 -7.23 -10.46 10.16
N VAL A 128 -7.75 -10.09 9.01
CA VAL A 128 -8.64 -10.92 8.25
C VAL A 128 -8.30 -10.57 6.83
N GLY A 129 -8.20 -11.57 5.97
CA GLY A 129 -7.85 -11.33 4.58
C GLY A 129 -9.04 -11.26 3.69
N ILE A 130 -8.98 -10.43 2.68
CA ILE A 130 -10.09 -10.28 1.79
C ILE A 130 -9.69 -9.78 0.44
N THR A 131 -10.53 -10.03 -0.54
CA THR A 131 -10.31 -9.53 -1.86
C THR A 131 -11.60 -8.83 -2.14
N GLY A 132 -11.74 -8.28 -3.31
CA GLY A 132 -12.96 -7.59 -3.65
C GLY A 132 -14.07 -8.54 -3.90
N GLU A 133 -13.75 -9.82 -3.92
CA GLU A 133 -14.75 -10.84 -4.16
C GLU A 133 -15.57 -11.13 -2.92
N ASP A 134 -14.96 -11.00 -1.74
CA ASP A 134 -15.63 -11.28 -0.48
C ASP A 134 -16.68 -10.21 -0.19
N ALA A 135 -17.95 -10.63 -0.06
CA ALA A 135 -19.07 -9.70 0.21
C ALA A 135 -19.10 -8.51 -0.75
N GLN A 136 -18.57 -8.68 -1.97
CA GLN A 136 -18.60 -7.63 -3.01
C GLN A 136 -18.01 -6.31 -2.49
N LEU A 137 -16.93 -6.42 -1.69
CA LEU A 137 -16.38 -5.24 -1.02
C LEU A 137 -15.92 -4.19 -2.02
N PHE A 138 -15.23 -4.61 -3.07
CA PHE A 138 -14.95 -3.68 -4.14
C PHE A 138 -15.03 -4.39 -5.49
N THR A 139 -15.23 -3.59 -6.52
CA THR A 139 -15.31 -4.06 -7.88
C THR A 139 -14.15 -3.51 -8.67
N ALA A 140 -13.89 -4.14 -9.81
CA ALA A 140 -12.86 -3.71 -10.74
C ALA A 140 -13.50 -3.25 -12.03
N VAL A 141 -12.71 -2.54 -12.85
CA VAL A 141 -13.09 -2.25 -14.23
C VAL A 141 -11.85 -2.43 -15.10
N ARG A 142 -11.99 -3.18 -16.19
CA ARG A 142 -10.84 -3.56 -16.99
C ARG A 142 -10.07 -2.33 -17.45
N ARG A 143 -8.77 -2.51 -17.54
CA ARG A 143 -7.83 -1.43 -17.79
C ARG A 143 -6.97 -1.82 -18.98
N SER A 144 -6.96 -0.96 -19.99
CA SER A 144 -5.94 -1.06 -21.02
C SER A 144 -4.79 -0.14 -20.62
N VAL A 145 -3.59 -0.50 -21.04
CA VAL A 145 -2.44 0.36 -20.81
C VAL A 145 -1.98 0.89 -22.15
N THR A 146 -1.43 2.10 -22.12
CA THR A 146 -0.87 2.69 -23.33
C THR A 146 0.47 2.00 -23.61
N VAL A 147 0.53 1.27 -24.73
CA VAL A 147 1.71 0.44 -24.96
C VAL A 147 2.92 1.31 -25.27
N ASP A 148 2.70 2.41 -26.00
CA ASP A 148 3.74 3.26 -26.56
C ASP A 148 3.06 4.14 -27.59
N GLY A 149 2.36 5.17 -27.13
CA GLY A 149 1.45 5.88 -27.99
C GLY A 149 0.08 5.23 -27.96
N VAL A 150 -0.07 4.11 -28.67
CA VAL A 150 -1.35 3.40 -28.69
C VAL A 150 -1.55 2.63 -27.39
N ALA A 151 -2.75 2.69 -26.86
CA ALA A 151 -3.13 1.83 -25.75
C ALA A 151 -3.58 0.48 -26.30
N THR A 152 -3.33 -0.58 -25.55
CA THR A 152 -3.81 -1.89 -25.96
C THR A 152 -4.10 -2.73 -24.73
N ASP A 153 -4.73 -3.86 -24.99
CA ASP A 153 -5.21 -4.74 -23.95
C ASP A 153 -4.08 -5.64 -23.47
N ILE A 154 -3.98 -5.82 -22.15
CA ILE A 154 -2.98 -6.72 -21.59
C ILE A 154 -3.67 -7.68 -20.64
N GLY A 155 -4.95 -7.95 -20.90
CA GLY A 155 -5.67 -8.99 -20.18
C GLY A 155 -6.58 -8.54 -19.04
N LEU A 156 -6.80 -9.43 -18.07
CA LEU A 156 -7.69 -9.19 -16.93
C LEU A 156 -6.98 -8.41 -15.82
N VAL A 157 -6.67 -7.15 -16.14
CA VAL A 157 -6.19 -6.17 -15.17
C VAL A 157 -7.10 -4.97 -15.21
N GLY A 158 -7.27 -4.34 -14.05
CA GLY A 158 -8.16 -3.20 -13.98
C GLY A 158 -7.91 -2.36 -12.75
N ASP A 159 -8.58 -1.23 -12.72
CA ASP A 159 -8.54 -0.38 -11.55
C ASP A 159 -9.73 -0.68 -10.66
N VAL A 160 -9.62 -0.24 -9.41
CA VAL A 160 -10.75 -0.37 -8.48
C VAL A 160 -11.90 0.48 -8.98
N ASP A 161 -13.08 -0.14 -9.09
CA ASP A 161 -14.26 0.49 -9.68
C ASP A 161 -15.14 1.14 -8.61
N GLN A 162 -15.68 0.34 -7.70
CA GLN A 162 -16.46 0.85 -6.58
C GLN A 162 -16.04 0.13 -5.30
N VAL A 163 -16.13 0.85 -4.18
CA VAL A 163 -15.78 0.34 -2.86
C VAL A 163 -17.03 0.38 -1.98
N ASN A 164 -17.32 -0.74 -1.31
CA ASN A 164 -18.40 -0.74 -0.32
C ASN A 164 -17.84 -0.13 0.97
N THR A 165 -17.82 1.20 0.97
CA THR A 165 -17.32 1.96 2.12
C THR A 165 -17.98 1.49 3.40
N ALA A 166 -19.29 1.19 3.33
CA ALA A 166 -20.06 0.85 4.52
C ALA A 166 -19.51 -0.40 5.23
N ALA A 167 -19.55 -1.56 4.54
CA ALA A 167 -19.07 -2.79 5.15
C ALA A 167 -17.60 -2.73 5.49
N MET A 168 -16.84 -1.89 4.79
CA MET A 168 -15.43 -1.75 5.08
C MET A 168 -15.22 -1.11 6.45
N LEU A 169 -15.87 0.02 6.71
CA LEU A 169 -15.73 0.66 8.02
C LEU A 169 -16.51 -0.06 9.11
N ASP A 170 -17.50 -0.89 8.77
CA ASP A 170 -18.01 -1.82 9.75
C ASP A 170 -16.90 -2.71 10.27
N LEU A 171 -16.07 -3.21 9.36
CA LEU A 171 -15.04 -4.18 9.70
C LEU A 171 -14.02 -3.60 10.67
N VAL A 172 -13.49 -2.41 10.36
CA VAL A 172 -12.44 -1.88 11.23
C VAL A 172 -12.99 -1.39 12.56
N ALA A 173 -14.24 -0.88 12.57
CA ALA A 173 -14.86 -0.50 13.84
C ALA A 173 -15.11 -1.72 14.72
N ALA A 174 -15.38 -2.86 14.09
CA ALA A 174 -15.43 -4.16 14.76
C ALA A 174 -14.05 -4.61 15.28
N GLY A 175 -13.02 -3.78 15.12
CA GLY A 175 -11.69 -4.07 15.70
C GLY A 175 -10.81 -4.93 14.82
N ARG A 176 -11.07 -4.97 13.53
CA ARG A 176 -10.31 -5.90 12.65
C ARG A 176 -9.36 -5.13 11.73
N ILE A 177 -8.22 -5.73 11.40
CA ILE A 177 -7.28 -5.11 10.43
C ILE A 177 -7.45 -5.84 9.09
N PRO A 178 -8.09 -5.24 8.07
CA PRO A 178 -8.21 -5.89 6.79
C PRO A 178 -6.87 -5.98 6.05
N VAL A 179 -6.51 -7.19 5.58
CA VAL A 179 -5.32 -7.33 4.80
C VAL A 179 -5.87 -7.59 3.42
N VAL A 180 -5.76 -6.61 2.56
CA VAL A 180 -6.33 -6.71 1.23
C VAL A 180 -5.46 -7.20 0.11
N SER A 181 -6.01 -8.11 -0.69
CA SER A 181 -5.34 -8.64 -1.85
C SER A 181 -6.10 -7.90 -2.93
N THR A 182 -5.37 -7.30 -3.85
CA THR A 182 -5.99 -6.56 -4.93
C THR A 182 -6.59 -7.24 -6.13
N LEU A 183 -7.50 -8.17 -5.90
CA LEU A 183 -8.26 -8.83 -6.96
C LEU A 183 -9.72 -8.48 -6.80
N ALA A 184 -10.42 -8.22 -7.91
CA ALA A 184 -11.79 -7.77 -7.77
C ALA A 184 -12.64 -8.28 -8.91
N PRO A 185 -13.90 -8.62 -8.66
CA PRO A 185 -14.85 -8.85 -9.76
C PRO A 185 -15.11 -7.58 -10.56
N ASP A 186 -15.43 -7.76 -11.84
CA ASP A 186 -16.05 -6.67 -12.60
C ASP A 186 -17.56 -6.80 -12.46
N ALA A 187 -18.32 -6.03 -13.24
CA ALA A 187 -19.77 -6.04 -13.08
C ALA A 187 -20.41 -7.35 -13.51
N ASP A 188 -19.74 -8.13 -14.37
CA ASP A 188 -20.22 -9.44 -14.80
C ASP A 188 -19.59 -10.59 -14.04
N GLY A 189 -18.93 -10.32 -12.91
CA GLY A 189 -18.40 -11.36 -12.08
C GLY A 189 -17.02 -11.88 -12.43
N VAL A 190 -16.33 -11.28 -13.39
CA VAL A 190 -15.04 -11.80 -13.85
C VAL A 190 -13.91 -11.10 -13.10
N VAL A 191 -13.01 -11.87 -12.51
CA VAL A 191 -12.06 -11.32 -11.55
C VAL A 191 -10.83 -10.79 -12.25
N HIS A 192 -10.45 -9.56 -11.93
CA HIS A 192 -9.25 -8.95 -12.48
C HIS A 192 -8.20 -8.73 -11.39
N ASN A 193 -6.94 -8.65 -11.81
CA ASN A 193 -5.87 -8.25 -10.90
C ASN A 193 -5.73 -6.74 -10.96
N ILE A 194 -5.56 -6.11 -9.80
CA ILE A 194 -5.48 -4.66 -9.72
C ILE A 194 -4.11 -4.29 -9.15
N ASN A 195 -3.50 -3.22 -9.69
CA ASN A 195 -2.19 -2.78 -9.22
C ASN A 195 -2.33 -2.29 -7.79
N ALA A 196 -1.49 -2.81 -6.89
CA ALA A 196 -1.74 -2.62 -5.47
C ALA A 196 -1.45 -1.19 -5.02
N ASP A 197 -0.68 -0.42 -5.78
CA ASP A 197 -0.50 0.98 -5.41
C ASP A 197 -1.78 1.75 -5.69
N THR A 198 -2.21 1.74 -6.96
CA THR A 198 -3.53 2.26 -7.34
C THR A 198 -4.62 1.86 -6.35
N ALA A 199 -4.77 0.56 -6.13
CA ALA A 199 -5.81 0.08 -5.25
C ALA A 199 -5.76 0.76 -3.90
N ALA A 200 -4.56 0.88 -3.33
CA ALA A 200 -4.42 1.46 -2.00
C ALA A 200 -4.88 2.91 -1.99
N ALA A 201 -4.57 3.65 -3.04
CA ALA A 201 -5.12 5.00 -3.17
C ALA A 201 -6.64 4.98 -3.29
N ALA A 202 -7.20 3.95 -3.92
CA ALA A 202 -8.65 3.93 -4.13
C ALA A 202 -9.37 3.58 -2.83
N VAL A 203 -8.85 2.60 -2.08
CA VAL A 203 -9.41 2.31 -0.76
C VAL A 203 -9.32 3.54 0.15
N ALA A 204 -8.13 4.13 0.26
CA ALA A 204 -7.93 5.28 1.15
C ALA A 204 -8.92 6.40 0.87
N GLU A 205 -9.16 6.69 -0.41
CA GLU A 205 -10.12 7.73 -0.75
C GLU A 205 -11.53 7.32 -0.37
N ALA A 206 -11.92 6.07 -0.66
CA ALA A 206 -13.26 5.61 -0.37
C ALA A 206 -13.57 5.68 1.12
N LEU A 207 -12.61 5.31 1.97
CA LEU A 207 -12.84 5.20 3.40
C LEU A 207 -12.62 6.48 4.17
N GLY A 208 -12.23 7.57 3.51
CA GLY A 208 -11.88 8.78 4.24
C GLY A 208 -10.71 8.54 5.19
N ALA A 209 -9.65 7.95 4.67
CA ALA A 209 -8.46 7.71 5.49
C ALA A 209 -7.81 9.03 5.86
N GLU A 210 -7.18 9.05 7.03
CA GLU A 210 -6.45 10.22 7.44
C GLU A 210 -5.14 10.32 6.65
N LYS A 211 -4.51 9.18 6.42
CA LYS A 211 -3.20 9.12 5.79
C LYS A 211 -3.13 7.90 4.89
N LEU A 212 -2.50 8.06 3.73
CA LEU A 212 -2.03 6.93 2.95
C LEU A 212 -0.52 6.80 3.15
N LEU A 213 -0.08 5.60 3.53
CA LEU A 213 1.33 5.27 3.69
C LEU A 213 1.74 4.33 2.57
N MET A 214 2.70 4.77 1.76
CA MET A 214 3.22 3.98 0.62
C MET A 214 4.60 3.45 0.98
N LEU A 215 4.68 2.18 1.42
CA LEU A 215 5.98 1.59 1.71
C LEU A 215 6.72 1.26 0.42
N THR A 216 7.83 1.96 0.20
CA THR A 216 8.64 1.86 -1.00
C THR A 216 10.08 1.51 -0.59
N ASP A 217 10.85 1.02 -1.56
CA ASP A 217 12.28 0.80 -1.37
C ASP A 217 13.12 2.02 -1.75
N ILE A 218 12.76 3.24 -1.33
CA ILE A 218 13.63 4.39 -1.51
C ILE A 218 13.50 5.30 -0.30
N ASP A 219 14.57 6.06 -0.04
CA ASP A 219 14.57 7.04 1.06
C ASP A 219 13.42 8.03 0.92
N GLY A 220 13.18 8.46 -0.31
CA GLY A 220 12.11 9.40 -0.58
C GLY A 220 12.17 9.83 -2.03
N LEU A 221 11.41 10.86 -2.36
CA LEU A 221 11.33 11.33 -3.74
C LEU A 221 12.43 12.34 -4.02
N TYR A 222 13.32 11.99 -4.95
CA TYR A 222 14.36 12.89 -5.41
C TYR A 222 13.89 13.56 -6.69
N THR A 223 13.81 14.89 -6.68
CA THR A 223 13.39 15.59 -7.89
C THR A 223 14.44 15.43 -9.01
N ARG A 224 15.73 15.45 -8.65
CA ARG A 224 16.80 15.32 -9.63
C ARG A 224 17.65 14.09 -9.35
N TRP A 225 17.04 12.91 -9.30
CA TRP A 225 17.77 11.68 -9.10
C TRP A 225 18.95 11.62 -10.08
N PRO A 226 20.18 11.41 -9.57
CA PRO A 226 20.53 11.10 -8.18
C PRO A 226 21.29 12.17 -7.37
N ASP A 227 21.01 13.47 -7.57
CA ASP A 227 21.59 14.49 -6.72
C ASP A 227 21.14 14.26 -5.29
N ARG A 228 22.10 14.06 -4.39
CA ARG A 228 21.79 13.64 -3.03
C ARG A 228 20.87 14.63 -2.32
N ASP A 229 20.97 15.91 -2.67
CA ASP A 229 20.23 16.97 -1.99
C ASP A 229 18.99 17.42 -2.75
N SER A 230 18.74 16.83 -3.92
CA SER A 230 17.45 17.01 -4.58
C SER A 230 16.31 16.41 -3.78
N LEU A 231 16.63 15.59 -2.78
CA LEU A 231 15.60 14.93 -2.00
C LEU A 231 14.73 15.97 -1.28
N VAL A 232 13.45 15.66 -1.15
CA VAL A 232 12.43 16.59 -0.65
C VAL A 232 11.56 15.87 0.37
N SER A 233 11.18 16.58 1.45
CA SER A 233 10.40 15.96 2.52
C SER A 233 8.90 16.23 2.43
N GLU A 234 8.49 17.25 1.69
CA GLU A 234 7.07 17.54 1.50
C GLU A 234 6.86 18.18 0.14
N ILE A 235 5.72 17.88 -0.49
CA ILE A 235 5.38 18.44 -1.80
C ILE A 235 3.86 18.50 -1.96
N ASP A 236 3.39 19.48 -2.74
CA ASP A 236 1.97 19.63 -3.09
C ASP A 236 1.61 18.70 -4.24
N THR A 237 0.31 18.61 -4.54
CA THR A 237 -0.10 17.84 -5.71
C THR A 237 0.34 18.51 -7.01
N GLY A 238 0.07 19.82 -7.15
CA GLY A 238 0.28 20.49 -8.42
C GLY A 238 1.71 20.43 -8.90
N THR A 239 2.67 20.68 -8.00
CA THR A 239 4.08 20.56 -8.35
C THR A 239 4.43 19.12 -8.67
N LEU A 240 4.00 18.20 -7.80
CA LEU A 240 4.28 16.79 -8.04
C LEU A 240 3.70 16.34 -9.38
N ALA A 241 2.54 16.87 -9.75
CA ALA A 241 1.96 16.56 -11.05
C ALA A 241 2.89 16.95 -12.19
N GLN A 242 3.35 18.22 -12.18
CA GLN A 242 4.18 18.71 -13.28
C GLN A 242 5.49 17.96 -13.38
N LEU A 243 5.92 17.35 -12.27
CA LEU A 243 7.23 16.65 -12.22
C LEU A 243 7.06 15.15 -12.49
N LEU A 244 5.82 14.65 -12.45
CA LEU A 244 5.55 13.20 -12.64
C LEU A 244 6.24 12.67 -13.92
N PRO A 245 6.12 13.27 -15.13
CA PRO A 245 6.75 12.68 -16.32
C PRO A 245 8.29 12.57 -16.27
N THR A 246 8.93 13.06 -15.21
CA THR A 246 10.41 13.05 -15.11
C THR A 246 10.86 12.10 -14.00
N LEU A 247 10.13 11.02 -13.75
CA LEU A 247 10.48 10.15 -12.60
C LEU A 247 10.93 8.75 -13.06
N GLU A 248 11.60 8.00 -12.18
CA GLU A 248 12.08 6.67 -12.51
C GLU A 248 10.90 5.71 -12.75
N SER A 249 11.17 4.62 -13.48
CA SER A 249 10.10 3.76 -14.00
C SER A 249 9.27 3.16 -12.88
N GLY A 250 9.92 2.69 -11.82
CA GLY A 250 9.21 1.93 -10.81
C GLY A 250 8.47 2.79 -9.81
N MET A 251 8.91 4.03 -9.60
CA MET A 251 8.27 4.89 -8.63
C MET A 251 7.15 5.73 -9.22
N VAL A 252 6.90 5.62 -10.53
CA VAL A 252 5.75 6.35 -11.05
C VAL A 252 4.45 5.81 -10.45
N PRO A 253 4.18 4.49 -10.36
CA PRO A 253 2.91 4.06 -9.76
C PRO A 253 2.75 4.51 -8.31
N LYS A 254 3.81 4.51 -7.50
CA LYS A 254 3.67 4.98 -6.13
C LYS A 254 3.31 6.46 -6.09
N VAL A 255 3.60 7.21 -7.14
CA VAL A 255 3.39 8.65 -7.11
C VAL A 255 1.99 9.03 -7.58
N GLU A 256 1.53 8.53 -8.74
CA GLU A 256 0.15 8.82 -9.13
C GLU A 256 -0.84 8.25 -8.15
N ALA A 257 -0.49 7.20 -7.43
CA ALA A 257 -1.35 6.78 -6.34
C ALA A 257 -1.46 7.89 -5.31
N CYS A 258 -0.31 8.46 -4.93
CA CYS A 258 -0.30 9.56 -3.99
C CYS A 258 -1.16 10.71 -4.46
N LEU A 259 -1.01 11.12 -5.73
CA LEU A 259 -1.78 12.28 -6.19
C LEU A 259 -3.26 11.95 -6.31
N ARG A 260 -3.60 10.76 -6.80
CA ARG A 260 -5.03 10.48 -6.94
C ARG A 260 -5.70 10.39 -5.57
N ALA A 261 -4.94 10.07 -4.52
CA ALA A 261 -5.51 9.99 -3.18
C ALA A 261 -5.64 11.37 -2.55
N VAL A 262 -4.58 12.18 -2.61
CA VAL A 262 -4.60 13.47 -1.93
C VAL A 262 -5.58 14.42 -2.62
N ILE A 263 -5.58 14.43 -3.95
CA ILE A 263 -6.62 15.18 -4.67
C ILE A 263 -7.99 14.63 -4.31
N GLY A 264 -8.09 13.31 -4.15
CA GLY A 264 -9.32 12.67 -3.73
C GLY A 264 -9.75 13.00 -2.33
N GLY A 265 -9.01 13.83 -1.60
CA GLY A 265 -9.44 14.32 -0.30
C GLY A 265 -8.73 13.71 0.89
N VAL A 266 -7.86 12.73 0.69
CA VAL A 266 -7.02 12.25 1.79
C VAL A 266 -6.08 13.37 2.22
N PRO A 267 -5.98 13.64 3.49
CA PRO A 267 -5.13 14.74 3.95
C PRO A 267 -3.70 14.64 3.47
N SER A 268 -3.08 13.48 3.61
CA SER A 268 -1.71 13.35 3.18
C SER A 268 -1.34 11.93 2.78
N ALA A 269 -0.46 11.83 1.79
CA ALA A 269 0.04 10.55 1.32
C ALA A 269 1.48 10.63 1.67
N HIS A 270 2.07 9.50 2.02
CA HIS A 270 3.48 9.48 2.42
C HIS A 270 4.21 8.34 1.71
N ILE A 271 5.35 8.69 1.12
CA ILE A 271 6.24 7.73 0.49
C ILE A 271 7.39 7.50 1.45
N ILE A 272 7.45 6.31 2.07
CA ILE A 272 8.39 6.08 3.16
C ILE A 272 9.34 4.93 2.83
N ASP A 273 10.38 4.82 3.63
CA ASP A 273 11.44 3.83 3.40
C ASP A 273 11.09 2.54 4.13
N GLY A 274 10.57 1.57 3.38
CA GLY A 274 10.36 0.24 3.93
C GLY A 274 11.63 -0.53 4.25
N ARG A 275 12.81 0.04 4.04
CA ARG A 275 14.03 -0.61 4.50
C ARG A 275 14.35 -0.24 5.93
N VAL A 276 13.83 0.89 6.40
CA VAL A 276 13.98 1.26 7.80
C VAL A 276 13.08 0.35 8.62
N THR A 277 13.65 -0.26 9.64
CA THR A 277 12.83 -1.08 10.53
C THR A 277 11.89 -0.17 11.32
N HIS A 278 10.60 -0.56 11.35
CA HIS A 278 9.53 0.18 12.00
C HIS A 278 9.21 1.50 11.30
N CYS A 279 9.31 1.52 9.96
CA CYS A 279 9.19 2.79 9.25
C CYS A 279 7.86 3.47 9.52
N VAL A 280 6.79 2.69 9.66
CA VAL A 280 5.48 3.30 9.84
C VAL A 280 5.40 4.00 11.21
N LEU A 281 5.92 3.35 12.28
CA LEU A 281 6.00 4.01 13.58
C LEU A 281 6.81 5.31 13.51
N VAL A 282 7.86 5.33 12.71
CA VAL A 282 8.68 6.53 12.61
C VAL A 282 7.90 7.63 11.90
N GLU A 283 7.23 7.27 10.80
CA GLU A 283 6.54 8.25 9.97
C GLU A 283 5.30 8.82 10.67
N LEU A 284 4.68 8.03 11.55
CA LEU A 284 3.40 8.40 12.13
C LEU A 284 3.53 9.13 13.45
N PHE A 285 4.50 8.73 14.29
CA PHE A 285 4.60 9.26 15.65
C PHE A 285 5.92 9.98 15.92
N THR A 286 6.59 10.44 14.88
CA THR A 286 7.91 11.03 15.04
C THR A 286 8.12 12.04 13.93
N ASP A 287 8.83 13.11 14.25
CA ASP A 287 9.13 14.14 13.27
C ASP A 287 10.40 13.84 12.48
N ALA A 288 11.11 12.77 12.80
CA ALA A 288 12.30 12.33 12.08
C ALA A 288 11.96 11.44 10.89
N GLY A 289 10.90 11.75 10.16
CA GLY A 289 10.44 10.86 9.09
C GLY A 289 11.41 10.83 7.92
N THR A 290 11.78 9.62 7.50
CA THR A 290 12.59 9.47 6.29
C THR A 290 11.82 9.92 5.05
N GLY A 291 10.52 9.63 4.99
CA GLY A 291 9.77 9.72 3.77
C GLY A 291 9.53 11.10 3.19
N THR A 292 8.54 11.22 2.30
CA THR A 292 8.09 12.51 1.77
C THR A 292 6.56 12.59 1.83
N LYS A 293 6.05 13.71 2.34
CA LYS A 293 4.62 13.93 2.56
C LYS A 293 4.03 14.60 1.31
N VAL A 294 2.80 14.21 0.94
CA VAL A 294 2.12 14.82 -0.20
C VAL A 294 0.80 15.40 0.28
N VAL A 295 0.61 16.70 0.08
CA VAL A 295 -0.62 17.39 0.41
C VAL A 295 -1.15 18.13 -0.82
N ARG A 296 -2.41 18.57 -0.74
CA ARG A 296 -3.05 19.20 -1.88
C ARG A 296 -2.54 20.64 -2.05
N GLY A 297 -2.50 21.08 -3.30
CA GLY A 297 -2.11 22.45 -3.57
C GLY A 297 -2.12 22.82 -5.04
#